data_6W40
#
_entry.id   6W40
#
_cell.length_a   37.532
_cell.length_b   73.742
_cell.length_c   86.063
_cell.angle_alpha   90.000
_cell.angle_beta   90.000
_cell.angle_gamma   90.000
#
_symmetry.space_group_name_H-M   'P 21 21 21'
#
loop_
_entity.id
_entity.type
_entity.pdbx_description
1 polymer 'DENOVO NTF2'
2 water water
#
_entity_poly.entity_id   1
_entity_poly.type   'polypeptide(L)'
_entity_poly.pdbx_seq_one_letter_code
;GDEEEKHLRDMMEIVIKLFMTGDWDAFHEMADPDVKFQVDVGDKHIHRHGREEVVEELIRLLEHWRVRNIRIHDIKLIGD
KLVVEGRWETSYGDKSHDEDVELIVIVVDGKIKKVRIIIR
;
_entity_poly.pdbx_strand_id   A,B
#
# COMPACT_ATOMS: atom_id res chain seq x y z
N GLY A 1 -22.99 4.18 0.22
CA GLY A 1 -23.02 2.77 -0.12
C GLY A 1 -22.01 2.41 -1.19
N ASP A 2 -22.28 2.85 -2.42
CA ASP A 2 -21.39 2.56 -3.54
C ASP A 2 -20.04 3.28 -3.42
N GLU A 3 -20.00 4.39 -2.69
CA GLU A 3 -18.77 5.17 -2.58
C GLU A 3 -17.77 4.48 -1.66
N GLU A 4 -18.18 4.13 -0.44
CA GLU A 4 -17.25 3.54 0.51
C GLU A 4 -16.77 2.18 0.02
N GLU A 5 -17.64 1.40 -0.62
CA GLU A 5 -17.24 0.13 -1.19
C GLU A 5 -16.10 0.31 -2.20
N LYS A 6 -16.25 1.29 -3.09
CA LYS A 6 -15.19 1.58 -4.05
C LYS A 6 -13.90 1.95 -3.35
N HIS A 7 -14.00 2.69 -2.24
CA HIS A 7 -12.79 3.08 -1.52
C HIS A 7 -12.15 1.90 -0.79
N LEU A 8 -12.97 1.01 -0.23
CA LEU A 8 -12.44 -0.21 0.35
C LEU A 8 -11.70 -1.03 -0.67
N ARG A 9 -12.21 -1.07 -1.91
CA ARG A 9 -11.55 -1.82 -2.97
C ARG A 9 -10.22 -1.18 -3.36
N ASP A 10 -10.19 0.15 -3.46
CA ASP A 10 -8.95 0.85 -3.79
C ASP A 10 -7.85 0.52 -2.79
N MET A 11 -8.16 0.61 -1.49
CA MET A 11 -7.16 0.33 -0.47
C MET A 11 -6.63 -1.10 -0.56
N MET A 12 -7.53 -2.07 -0.80
CA MET A 12 -7.09 -3.45 -0.93
C MET A 12 -6.17 -3.64 -2.12
N GLU A 13 -6.34 -2.83 -3.18
CA GLU A 13 -5.42 -2.90 -4.30
C GLU A 13 -4.03 -2.39 -3.90
N ILE A 14 -3.99 -1.27 -3.18
CA ILE A 14 -2.71 -0.65 -2.83
C ILE A 14 -1.89 -1.60 -1.97
N VAL A 15 -2.51 -2.24 -0.98
CA VAL A 15 -1.76 -3.08 -0.05
C VAL A 15 -1.23 -4.33 -0.75
N ILE A 16 -1.97 -4.86 -1.73
CA ILE A 16 -1.50 -6.08 -2.40
C ILE A 16 -0.34 -5.77 -3.33
N LYS A 17 -0.44 -4.69 -4.09
CA LYS A 17 0.58 -4.37 -5.08
C LYS A 17 1.84 -3.80 -4.42
N LEU A 18 1.69 -2.78 -3.59
CA LEU A 18 2.81 -1.97 -3.14
C LEU A 18 3.14 -2.16 -1.66
N PHE A 19 2.53 -3.13 -1.00
CA PHE A 19 2.81 -3.40 0.41
C PHE A 19 3.05 -4.89 0.64
N MET A 20 1.95 -5.65 0.71
CA MET A 20 2.01 -7.10 0.90
C MET A 20 3.01 -7.72 -0.06
N THR A 21 4.26 -7.87 0.41
CA THR A 21 5.44 -8.15 -0.39
C THR A 21 5.30 -7.60 -1.81
N GLY A 22 5.65 -8.39 -2.82
CA GLY A 22 5.30 -8.03 -4.17
C GLY A 22 3.88 -8.46 -4.46
N ASP A 23 3.64 -9.77 -4.33
CA ASP A 23 2.34 -10.38 -4.59
C ASP A 23 1.80 -9.97 -5.96
N TRP A 24 2.70 -9.67 -6.90
CA TRP A 24 2.30 -9.37 -8.26
C TRP A 24 1.82 -10.61 -9.01
N ASP A 25 1.99 -11.80 -8.43
CA ASP A 25 1.33 -12.98 -8.95
C ASP A 25 -0.18 -12.88 -8.76
N ALA A 26 -0.63 -12.16 -7.73
CA ALA A 26 -2.05 -11.95 -7.47
C ALA A 26 -2.65 -10.86 -8.35
N PHE A 27 -1.89 -10.34 -9.33
CA PHE A 27 -2.43 -9.36 -10.26
C PHE A 27 -3.55 -9.96 -11.12
N HIS A 28 -3.55 -11.28 -11.32
CA HIS A 28 -4.55 -11.90 -12.17
C HIS A 28 -5.93 -11.89 -11.52
N GLU A 29 -5.98 -12.07 -10.20
CA GLU A 29 -7.25 -12.15 -9.50
C GLU A 29 -7.91 -10.78 -9.31
N MET A 30 -7.14 -9.70 -9.46
CA MET A 30 -7.67 -8.34 -9.30
C MET A 30 -7.81 -7.60 -10.61
N ALA A 31 -7.38 -8.19 -11.72
CA ALA A 31 -7.44 -7.54 -13.02
C ALA A 31 -8.80 -7.73 -13.65
N ASP A 32 -9.37 -6.64 -14.18
CA ASP A 32 -10.58 -6.72 -14.97
C ASP A 32 -10.33 -7.60 -16.20
N PRO A 33 -11.32 -8.39 -16.62
CA PRO A 33 -11.15 -9.19 -17.85
C PRO A 33 -10.71 -8.38 -19.05
N ASP A 34 -11.09 -7.10 -19.12
CA ASP A 34 -10.71 -6.21 -20.21
C ASP A 34 -9.72 -5.16 -19.74
N VAL A 35 -8.77 -5.56 -18.88
CA VAL A 35 -7.79 -4.62 -18.36
C VAL A 35 -6.88 -4.16 -19.49
N LYS A 36 -6.54 -2.87 -19.47
CA LYS A 36 -5.60 -2.29 -20.43
C LYS A 36 -4.25 -2.07 -19.76
N PHE A 37 -3.20 -2.19 -20.56
CA PHE A 37 -1.82 -2.07 -20.08
C PHE A 37 -0.99 -1.38 -21.14
N GLN A 38 -0.37 -0.27 -20.78
CA GLN A 38 0.56 0.42 -21.67
C GLN A 38 1.86 0.70 -20.94
N VAL A 39 2.97 0.32 -21.56
CA VAL A 39 4.30 0.49 -20.99
C VAL A 39 5.03 1.54 -21.82
N ASP A 40 5.68 2.47 -21.13
CA ASP A 40 6.48 3.52 -21.76
C ASP A 40 7.92 3.32 -21.33
N VAL A 41 8.72 2.68 -22.18
CA VAL A 41 10.14 2.47 -21.92
C VAL A 41 10.89 3.24 -22.98
N GLY A 42 11.25 4.49 -22.66
CA GLY A 42 11.97 5.31 -23.62
C GLY A 42 11.07 5.67 -24.78
N ASP A 43 11.52 5.33 -25.99
CA ASP A 43 10.74 5.57 -27.20
C ASP A 43 9.94 4.36 -27.63
N LYS A 44 10.03 3.25 -26.92
CA LYS A 44 9.21 2.08 -27.17
C LYS A 44 7.93 2.17 -26.35
N HIS A 45 6.79 1.97 -26.99
CA HIS A 45 5.50 2.10 -26.35
C HIS A 45 4.67 0.86 -26.66
N ILE A 46 4.35 0.09 -25.62
CA ILE A 46 3.64 -1.17 -25.74
C ILE A 46 2.21 -0.99 -25.26
N HIS A 47 1.27 -1.65 -25.94
CA HIS A 47 -0.15 -1.60 -25.57
C HIS A 47 -0.72 -3.00 -25.63
N ARG A 48 -1.29 -3.47 -24.52
CA ARG A 48 -1.92 -4.78 -24.45
C ARG A 48 -3.33 -4.64 -23.92
N HIS A 49 -4.18 -5.59 -24.31
CA HIS A 49 -5.57 -5.62 -23.86
C HIS A 49 -5.98 -7.06 -23.56
N GLY A 50 -6.85 -7.21 -22.56
CA GLY A 50 -7.26 -8.53 -22.11
C GLY A 50 -6.45 -9.00 -20.92
N ARG A 51 -7.06 -9.75 -20.00
CA ARG A 51 -6.37 -10.11 -18.77
C ARG A 51 -5.16 -10.99 -19.04
N GLU A 52 -5.27 -11.90 -20.01
CA GLU A 52 -4.17 -12.84 -20.29
C GLU A 52 -3.02 -12.15 -21.01
N GLU A 53 -3.32 -11.27 -21.97
CA GLU A 53 -2.26 -10.52 -22.64
C GLU A 53 -1.52 -9.60 -21.67
N VAL A 54 -2.25 -8.99 -20.74
CA VAL A 54 -1.65 -8.04 -19.82
C VAL A 54 -0.76 -8.77 -18.81
N VAL A 55 -1.27 -9.85 -18.22
CA VAL A 55 -0.51 -10.56 -17.20
C VAL A 55 0.80 -11.11 -17.77
N GLU A 56 0.75 -11.68 -18.97
CA GLU A 56 1.96 -12.20 -19.60
C GLU A 56 2.97 -11.09 -19.86
N GLU A 57 2.48 -9.93 -20.31
CA GLU A 57 3.39 -8.82 -20.60
C GLU A 57 3.95 -8.22 -19.32
N LEU A 58 3.09 -8.02 -18.31
CA LEU A 58 3.56 -7.46 -17.05
C LEU A 58 4.59 -8.38 -16.39
N ILE A 59 4.38 -9.69 -16.48
CA ILE A 59 5.33 -10.64 -15.90
C ILE A 59 6.68 -10.54 -16.58
N ARG A 60 6.70 -10.40 -17.91
CA ARG A 60 7.96 -10.21 -18.60
C ARG A 60 8.64 -8.91 -18.20
N LEU A 61 7.85 -7.84 -18.01
CA LEU A 61 8.40 -6.57 -17.57
C LEU A 61 9.09 -6.71 -16.22
N LEU A 62 8.44 -7.39 -15.28
CA LEU A 62 9.04 -7.59 -13.96
C LEU A 62 10.23 -8.52 -14.00
N GLU A 63 10.24 -9.48 -14.94
CA GLU A 63 11.38 -10.39 -15.06
C GLU A 63 12.62 -9.66 -15.56
N HIS A 64 12.46 -8.66 -16.42
CA HIS A 64 13.62 -7.97 -16.97
C HIS A 64 14.31 -7.11 -15.93
N TRP A 65 13.57 -6.59 -14.95
CA TRP A 65 14.15 -5.80 -13.87
C TRP A 65 14.25 -6.59 -12.56
N ARG A 66 13.80 -7.83 -12.53
CA ARG A 66 13.82 -8.67 -11.33
C ARG A 66 13.12 -7.95 -10.17
N VAL A 67 11.92 -7.46 -10.45
CA VAL A 67 11.21 -6.61 -9.49
C VAL A 67 10.67 -7.45 -8.34
N ARG A 68 10.97 -7.03 -7.12
CA ARG A 68 10.33 -7.57 -5.92
C ARG A 68 9.18 -6.69 -5.44
N ASN A 69 9.43 -5.38 -5.33
CA ASN A 69 8.38 -4.43 -4.97
C ASN A 69 8.78 -3.07 -5.55
N ILE A 70 8.11 -2.02 -5.08
CA ILE A 70 8.33 -0.66 -5.58
C ILE A 70 8.61 0.24 -4.39
N ARG A 71 9.85 0.73 -4.29
CA ARG A 71 10.19 1.72 -3.27
C ARG A 71 9.47 3.02 -3.58
N ILE A 72 8.43 3.32 -2.81
CA ILE A 72 7.50 4.40 -3.14
C ILE A 72 8.06 5.73 -2.66
N HIS A 73 8.02 6.74 -3.53
CA HIS A 73 8.39 8.10 -3.19
C HIS A 73 7.19 8.98 -2.91
N ASP A 74 6.14 8.88 -3.72
CA ASP A 74 4.92 9.66 -3.49
C ASP A 74 3.74 8.91 -4.11
N ILE A 75 2.57 9.11 -3.53
CA ILE A 75 1.33 8.48 -3.98
C ILE A 75 0.19 9.50 -3.88
N LYS A 76 -0.64 9.56 -4.91
CA LYS A 76 -1.83 10.40 -4.92
C LYS A 76 -3.03 9.54 -5.27
N LEU A 77 -4.11 9.71 -4.52
CA LEU A 77 -5.36 9.00 -4.75
C LEU A 77 -6.37 9.99 -5.31
N ILE A 78 -6.72 9.83 -6.59
CA ILE A 78 -7.61 10.75 -7.27
C ILE A 78 -8.84 10.01 -7.73
N GLY A 79 -9.82 9.87 -6.84
CA GLY A 79 -11.03 9.14 -7.17
C GLY A 79 -10.80 7.66 -7.37
N ASP A 80 -10.79 7.23 -8.64
CA ASP A 80 -10.59 5.83 -8.99
C ASP A 80 -9.22 5.57 -9.58
N LYS A 81 -8.29 6.50 -9.43
CA LYS A 81 -6.97 6.42 -10.04
C LYS A 81 -5.89 6.43 -8.95
N LEU A 82 -4.96 5.49 -9.05
CA LEU A 82 -3.78 5.48 -8.20
C LEU A 82 -2.60 6.00 -9.02
N VAL A 83 -1.85 6.95 -8.45
CA VAL A 83 -0.65 7.49 -9.08
C VAL A 83 0.51 7.28 -8.14
N VAL A 84 1.52 6.54 -8.59
CA VAL A 84 2.69 6.21 -7.79
C VAL A 84 3.94 6.67 -8.52
N GLU A 85 4.82 7.37 -7.81
CA GLU A 85 6.16 7.66 -8.27
C GLU A 85 7.14 6.99 -7.31
N GLY A 86 8.04 6.19 -7.84
CA GLY A 86 8.95 5.42 -7.02
C GLY A 86 10.17 4.92 -7.74
N ARG A 87 10.74 3.83 -7.21
CA ARG A 87 11.99 3.27 -7.70
C ARG A 87 11.94 1.76 -7.48
N TRP A 88 12.49 1.01 -8.44
CA TRP A 88 12.38 -0.45 -8.38
C TRP A 88 13.09 -1.00 -7.16
N GLU A 89 12.47 -2.02 -6.55
CA GLU A 89 13.11 -2.82 -5.51
C GLU A 89 13.48 -4.15 -6.18
N THR A 90 14.70 -4.23 -6.67
CA THR A 90 15.13 -5.38 -7.44
C THR A 90 15.85 -6.40 -6.54
N SER A 91 16.05 -7.59 -7.08
CA SER A 91 16.78 -8.64 -6.39
C SER A 91 18.27 -8.65 -6.70
N TYR A 92 18.75 -7.67 -7.47
CA TYR A 92 20.17 -7.59 -7.78
C TYR A 92 20.97 -7.29 -6.51
N GLY A 93 22.28 -7.54 -6.58
CA GLY A 93 23.15 -7.31 -5.46
C GLY A 93 23.51 -5.86 -5.19
N ASP A 94 22.91 -4.92 -5.94
CA ASP A 94 23.23 -3.51 -5.75
C ASP A 94 22.07 -2.68 -6.33
N LYS A 95 22.38 -1.48 -6.81
CA LYS A 95 21.38 -0.55 -7.33
C LYS A 95 21.50 -0.35 -8.83
N SER A 96 22.01 -1.35 -9.56
CA SER A 96 22.25 -1.19 -10.99
C SER A 96 20.96 -1.11 -11.80
N HIS A 97 19.87 -1.70 -11.31
CA HIS A 97 18.63 -1.76 -12.09
C HIS A 97 17.45 -1.17 -11.32
N ASP A 98 17.72 -0.21 -10.44
CA ASP A 98 16.66 0.46 -9.68
C ASP A 98 16.28 1.75 -10.42
N GLU A 99 15.67 1.56 -11.59
CA GLU A 99 15.28 2.71 -12.40
C GLU A 99 14.01 3.35 -11.85
N ASP A 100 13.88 4.65 -12.06
CA ASP A 100 12.69 5.38 -11.64
C ASP A 100 11.49 4.96 -12.46
N VAL A 101 10.33 4.84 -11.81
CA VAL A 101 9.13 4.33 -12.43
C VAL A 101 7.93 5.11 -11.92
N GLU A 102 6.98 5.39 -12.81
CA GLU A 102 5.69 5.96 -12.47
C GLU A 102 4.62 4.96 -12.85
N LEU A 103 3.68 4.71 -11.94
CA LEU A 103 2.63 3.73 -12.17
C LEU A 103 1.27 4.39 -11.96
N ILE A 104 0.36 4.16 -12.89
CA ILE A 104 -1.01 4.67 -12.82
C ILE A 104 -1.96 3.49 -12.90
N VAL A 105 -2.76 3.31 -11.87
CA VAL A 105 -3.68 2.18 -11.77
C VAL A 105 -5.10 2.72 -11.66
N ILE A 106 -5.96 2.30 -12.57
CA ILE A 106 -7.36 2.71 -12.59
C ILE A 106 -8.20 1.54 -12.11
N VAL A 107 -9.00 1.76 -11.07
CA VAL A 107 -9.82 0.72 -10.46
C VAL A 107 -11.28 1.00 -10.81
N VAL A 108 -11.93 0.02 -11.44
CA VAL A 108 -13.32 0.12 -11.83
C VAL A 108 -14.04 -1.11 -11.30
N ASP A 109 -15.06 -0.89 -10.46
CA ASP A 109 -15.89 -1.96 -9.90
C ASP A 109 -15.05 -3.01 -9.19
N GLY A 110 -14.11 -2.54 -8.37
CA GLY A 110 -13.27 -3.42 -7.59
C GLY A 110 -12.20 -4.17 -8.35
N LYS A 111 -12.08 -3.95 -9.66
CA LYS A 111 -11.08 -4.62 -10.47
C LYS A 111 -10.19 -3.59 -11.15
N ILE A 112 -8.94 -3.97 -11.38
CA ILE A 112 -7.99 -3.10 -12.06
C ILE A 112 -8.36 -3.07 -13.54
N LYS A 113 -8.80 -1.92 -14.02
CA LYS A 113 -9.22 -1.76 -15.40
C LYS A 113 -8.11 -1.25 -16.31
N LYS A 114 -7.15 -0.50 -15.77
CA LYS A 114 -6.07 0.04 -16.59
C LYS A 114 -4.82 0.21 -15.74
N VAL A 115 -3.68 -0.17 -16.32
CA VAL A 115 -2.37 0.02 -15.72
C VAL A 115 -1.48 0.74 -16.72
N ARG A 116 -0.81 1.80 -16.28
CA ARG A 116 0.19 2.47 -17.09
C ARG A 116 1.51 2.48 -16.32
N ILE A 117 2.59 2.15 -17.02
CA ILE A 117 3.92 2.09 -16.43
C ILE A 117 4.88 2.86 -17.32
N ILE A 118 5.57 3.84 -16.74
CA ILE A 118 6.51 4.69 -17.46
C ILE A 118 7.86 4.57 -16.80
N ILE A 119 8.86 4.16 -17.56
CA ILE A 119 10.21 3.95 -17.06
C ILE A 119 11.16 4.85 -17.87
N ARG A 120 11.92 5.67 -17.16
CA ARG A 120 12.95 6.50 -17.81
C ARG A 120 14.34 6.06 -17.37
N LYS B 6 -13.95 14.12 -0.02
CA LYS B 6 -13.30 15.25 -0.67
C LYS B 6 -11.79 15.18 -0.53
N HIS B 7 -11.14 16.34 -0.47
CA HIS B 7 -9.70 16.37 -0.28
C HIS B 7 -9.31 15.81 1.08
N LEU B 8 -10.09 16.12 2.11
CA LEU B 8 -9.77 15.61 3.45
C LEU B 8 -9.76 14.09 3.48
N ARG B 9 -10.73 13.46 2.84
CA ARG B 9 -10.76 12.00 2.78
C ARG B 9 -9.53 11.46 2.06
N ASP B 10 -9.22 11.99 0.88
CA ASP B 10 -8.08 11.52 0.12
C ASP B 10 -6.77 11.78 0.87
N MET B 11 -6.65 12.95 1.51
CA MET B 11 -5.43 13.27 2.25
C MET B 11 -5.21 12.29 3.39
N MET B 12 -6.27 12.00 4.15
CA MET B 12 -6.14 11.04 5.24
C MET B 12 -5.79 9.66 4.73
N GLU B 13 -6.35 9.29 3.58
CA GLU B 13 -6.05 7.98 3.00
C GLU B 13 -4.62 7.91 2.49
N ILE B 14 -4.17 8.97 1.81
CA ILE B 14 -2.78 9.03 1.35
C ILE B 14 -1.84 8.92 2.55
N VAL B 15 -2.17 9.58 3.65
CA VAL B 15 -1.36 9.53 4.86
C VAL B 15 -1.18 8.09 5.34
N ILE B 16 -2.26 7.30 5.29
CA ILE B 16 -2.19 5.91 5.75
C ILE B 16 -1.28 5.09 4.85
N LYS B 17 -1.30 5.38 3.55
CA LYS B 17 -0.50 4.62 2.60
C LYS B 17 1.00 4.84 2.77
N LEU B 18 1.42 5.66 3.74
CA LEU B 18 2.83 5.73 4.11
C LEU B 18 3.23 4.64 5.11
N PHE B 19 2.34 3.67 5.36
CA PHE B 19 2.68 2.42 6.00
C PHE B 19 3.46 1.49 5.07
N MET B 20 3.67 1.89 3.81
CA MET B 20 4.15 1.02 2.76
C MET B 20 4.98 1.84 1.77
N THR B 21 6.13 2.33 2.23
CA THR B 21 7.05 3.07 1.38
C THR B 21 8.47 2.55 1.53
N GLY B 22 8.62 1.27 1.87
CA GLY B 22 9.93 0.69 2.05
C GLY B 22 10.61 1.13 3.33
N ASP B 23 10.75 2.44 3.52
CA ASP B 23 11.39 3.01 4.69
C ASP B 23 10.42 3.95 5.40
N TRP B 24 10.75 4.27 6.66
CA TRP B 24 9.93 5.16 7.47
C TRP B 24 10.28 6.63 7.29
N ASP B 25 10.83 7.00 6.12
CA ASP B 25 11.14 8.40 5.87
C ASP B 25 9.88 9.23 5.67
N ALA B 26 8.81 8.63 5.16
CA ALA B 26 7.58 9.37 4.91
C ALA B 26 6.75 9.53 6.18
N PHE B 27 6.76 8.53 7.06
CA PHE B 27 6.06 8.68 8.34
C PHE B 27 6.77 9.69 9.23
N HIS B 28 8.10 9.76 9.16
CA HIS B 28 8.85 10.66 10.02
C HIS B 28 8.55 12.12 9.71
N GLU B 29 8.44 12.46 8.42
CA GLU B 29 8.17 13.85 8.04
C GLU B 29 6.73 14.26 8.31
N MET B 30 5.83 13.29 8.50
CA MET B 30 4.43 13.60 8.76
C MET B 30 4.04 13.48 10.22
N ALA B 31 4.82 12.77 11.03
CA ALA B 31 4.44 12.54 12.41
C ALA B 31 4.67 13.78 13.25
N ASP B 32 3.69 14.10 14.09
CA ASP B 32 3.90 15.09 15.14
C ASP B 32 5.07 14.62 16.02
N PRO B 33 5.93 15.54 16.45
CA PRO B 33 7.05 15.13 17.32
C PRO B 33 6.60 14.38 18.57
N ASP B 34 5.39 14.65 19.04
CA ASP B 34 4.81 13.96 20.19
C ASP B 34 3.77 12.92 19.77
N VAL B 35 3.97 12.28 18.62
CA VAL B 35 3.00 11.31 18.14
C VAL B 35 2.94 10.13 19.10
N LYS B 36 1.73 9.62 19.33
CA LYS B 36 1.51 8.45 20.15
C LYS B 36 1.28 7.23 19.26
N PHE B 37 1.74 6.08 19.73
CA PHE B 37 1.57 4.82 19.01
C PHE B 37 1.13 3.75 19.99
N GLN B 38 0.01 3.10 19.70
CA GLN B 38 -0.53 2.04 20.55
C GLN B 38 -0.79 0.79 19.73
N VAL B 39 -0.41 -0.35 20.29
CA VAL B 39 -0.71 -1.66 19.71
C VAL B 39 -1.31 -2.52 20.81
N ASP B 40 -2.59 -2.88 20.67
CA ASP B 40 -3.31 -3.64 21.68
C ASP B 40 -3.66 -5.00 21.09
N VAL B 41 -2.96 -6.03 21.55
CA VAL B 41 -3.16 -7.41 21.10
C VAL B 41 -3.49 -8.23 22.34
N GLY B 42 -4.77 -8.29 22.68
CA GLY B 42 -5.21 -9.04 23.85
C GLY B 42 -4.62 -8.54 25.15
N ASP B 43 -3.64 -9.27 25.68
CA ASP B 43 -2.98 -8.88 26.92
C ASP B 43 -1.80 -7.95 26.70
N LYS B 44 -1.15 -8.04 25.55
CA LYS B 44 0.02 -7.21 25.27
C LYS B 44 -0.42 -5.84 24.78
N HIS B 45 -0.02 -4.79 25.50
CA HIS B 45 -0.33 -3.41 25.14
C HIS B 45 0.98 -2.66 24.99
N ILE B 46 1.27 -2.24 23.76
CA ILE B 46 2.48 -1.46 23.46
C ILE B 46 2.08 0.01 23.38
N HIS B 47 2.86 0.86 24.05
CA HIS B 47 2.60 2.30 24.08
C HIS B 47 3.91 3.03 23.87
N ARG B 48 3.97 3.85 22.82
CA ARG B 48 5.15 4.64 22.49
C ARG B 48 4.72 6.07 22.21
N HIS B 49 5.47 7.03 22.76
CA HIS B 49 5.19 8.45 22.58
C HIS B 49 6.47 9.16 22.17
N GLY B 50 6.39 9.94 21.09
CA GLY B 50 7.57 10.63 20.58
C GLY B 50 7.88 10.09 19.20
N ARG B 51 8.16 11.03 18.28
CA ARG B 51 8.39 10.64 16.89
C ARG B 51 9.55 9.66 16.76
N GLU B 52 10.60 9.85 17.55
CA GLU B 52 11.74 8.95 17.47
C GLU B 52 11.41 7.58 18.07
N GLU B 53 10.73 7.56 19.21
CA GLU B 53 10.41 6.29 19.86
C GLU B 53 9.40 5.49 19.05
N VAL B 54 8.53 6.17 18.29
CA VAL B 54 7.52 5.45 17.51
C VAL B 54 8.15 4.77 16.31
N VAL B 55 9.06 5.45 15.63
CA VAL B 55 9.70 4.86 14.44
C VAL B 55 10.49 3.62 14.81
N GLU B 56 11.19 3.65 15.95
CA GLU B 56 11.94 2.48 16.37
C GLU B 56 11.03 1.32 16.74
N GLU B 57 9.79 1.62 17.15
CA GLU B 57 8.83 0.55 17.40
C GLU B 57 8.33 -0.04 16.08
N LEU B 58 8.13 0.81 15.07
CA LEU B 58 7.69 0.31 13.77
C LEU B 58 8.76 -0.55 13.12
N ILE B 59 10.04 -0.19 13.30
CA ILE B 59 11.13 -0.99 12.74
C ILE B 59 11.12 -2.38 13.37
N ARG B 60 10.97 -2.45 14.69
CA ARG B 60 10.99 -3.73 15.38
C ARG B 60 9.71 -4.52 15.14
N LEU B 61 8.59 -3.83 14.91
CA LEU B 61 7.28 -4.48 14.82
C LEU B 61 6.92 -4.86 13.38
N LEU B 62 6.81 -3.86 12.50
CA LEU B 62 6.25 -4.09 11.17
C LEU B 62 7.13 -4.99 10.32
N GLU B 63 8.46 -4.94 10.52
CA GLU B 63 9.37 -5.68 9.66
C GLU B 63 9.20 -7.19 9.85
N HIS B 64 9.40 -7.67 11.07
CA HIS B 64 9.30 -9.11 11.32
C HIS B 64 7.88 -9.63 11.21
N TRP B 65 6.88 -8.77 11.40
CA TRP B 65 5.50 -9.17 11.19
C TRP B 65 5.27 -9.51 9.71
N ARG B 66 4.81 -10.72 9.44
CA ARG B 66 4.55 -11.18 8.09
C ARG B 66 3.05 -11.13 7.83
N VAL B 67 2.58 -10.04 7.22
CA VAL B 67 1.18 -9.83 6.93
C VAL B 67 0.89 -10.29 5.51
N ARG B 68 -0.27 -10.91 5.32
CA ARG B 68 -0.68 -11.41 4.01
C ARG B 68 -2.20 -11.41 3.95
N ASN B 69 -2.72 -11.24 2.73
CA ASN B 69 -4.16 -11.23 2.47
C ASN B 69 -4.87 -10.20 3.36
N ILE B 70 -4.51 -8.94 3.15
CA ILE B 70 -5.10 -7.84 3.92
C ILE B 70 -6.43 -7.47 3.28
N ARG B 71 -7.50 -7.56 4.05
CA ARG B 71 -8.85 -7.27 3.58
C ARG B 71 -9.40 -6.09 4.36
N ILE B 72 -10.01 -5.14 3.65
CA ILE B 72 -10.56 -3.93 4.26
C ILE B 72 -12.07 -4.10 4.36
N HIS B 73 -12.60 -4.02 5.58
CA HIS B 73 -14.03 -4.20 5.83
C HIS B 73 -14.78 -2.90 6.04
N ASP B 74 -14.14 -1.87 6.57
CA ASP B 74 -14.83 -0.63 6.88
C ASP B 74 -13.84 0.52 6.92
N ILE B 75 -14.24 1.67 6.37
CA ILE B 75 -13.47 2.90 6.43
C ILE B 75 -14.41 4.03 6.79
N LYS B 76 -14.05 4.80 7.82
CA LYS B 76 -14.86 5.92 8.28
C LYS B 76 -13.98 7.11 8.54
N LEU B 77 -14.37 8.27 8.01
CA LEU B 77 -13.67 9.53 8.21
C LEU B 77 -14.54 10.42 9.09
N ILE B 78 -14.08 10.68 10.30
CA ILE B 78 -14.84 11.48 11.27
C ILE B 78 -13.99 12.67 11.71
N GLY B 79 -13.95 13.72 10.89
CA GLY B 79 -13.17 14.89 11.22
C GLY B 79 -11.67 14.66 11.08
N ASP B 80 -10.95 14.71 12.20
CA ASP B 80 -9.52 14.51 12.20
C ASP B 80 -9.12 13.06 12.44
N LYS B 81 -10.08 12.15 12.59
CA LYS B 81 -9.81 10.76 12.91
C LYS B 81 -10.26 9.88 11.76
N LEU B 82 -9.41 8.93 11.38
CA LEU B 82 -9.75 7.91 10.39
C LEU B 82 -9.74 6.54 11.06
N VAL B 83 -10.82 5.79 10.88
CA VAL B 83 -10.98 4.47 11.47
C VAL B 83 -11.10 3.45 10.35
N VAL B 84 -10.19 2.48 10.33
CA VAL B 84 -10.19 1.41 9.34
C VAL B 84 -10.30 0.08 10.07
N GLU B 85 -11.26 -0.74 9.65
CA GLU B 85 -11.45 -2.07 10.21
C GLU B 85 -11.26 -3.11 9.10
N GLY B 86 -10.52 -4.16 9.40
CA GLY B 86 -10.23 -5.15 8.40
C GLY B 86 -9.79 -6.47 8.97
N ARG B 87 -9.11 -7.25 8.13
CA ARG B 87 -8.70 -8.60 8.49
C ARG B 87 -7.50 -8.99 7.64
N TRP B 88 -6.47 -9.53 8.29
CA TRP B 88 -5.27 -9.96 7.60
C TRP B 88 -4.88 -11.36 8.07
N GLU B 89 -3.93 -11.96 7.36
CA GLU B 89 -3.41 -13.28 7.69
C GLU B 89 -1.97 -13.12 8.16
N THR B 90 -1.76 -13.33 9.46
CA THR B 90 -0.43 -13.26 10.05
C THR B 90 0.15 -14.66 10.19
N SER B 91 1.48 -14.74 10.22
CA SER B 91 2.15 -16.03 10.20
C SER B 91 3.41 -15.98 11.05
N TYR B 92 3.73 -17.13 11.66
CA TYR B 92 5.02 -17.38 12.28
C TYR B 92 5.51 -18.72 11.73
N GLY B 93 6.45 -18.66 10.81
CA GLY B 93 6.89 -19.89 10.15
C GLY B 93 5.77 -20.45 9.29
N ASP B 94 5.49 -21.75 9.45
CA ASP B 94 4.42 -22.37 8.70
C ASP B 94 3.04 -22.06 9.31
N LYS B 95 2.95 -22.01 10.63
CA LYS B 95 1.68 -21.75 11.28
C LYS B 95 1.18 -20.35 10.93
N SER B 96 -0.14 -20.25 10.73
CA SER B 96 -0.73 -19.00 10.29
C SER B 96 -2.19 -18.97 10.70
N HIS B 97 -2.73 -17.76 10.83
CA HIS B 97 -4.14 -17.58 11.17
C HIS B 97 -4.56 -16.17 10.78
N ASP B 98 -5.86 -16.01 10.58
CA ASP B 98 -6.45 -14.71 10.28
C ASP B 98 -7.03 -14.09 11.54
N GLU B 99 -6.98 -12.76 11.60
CA GLU B 99 -7.45 -12.04 12.78
C GLU B 99 -8.01 -10.69 12.36
N ASP B 100 -8.97 -10.19 13.14
CA ASP B 100 -9.58 -8.91 12.87
C ASP B 100 -8.73 -7.78 13.43
N VAL B 101 -8.56 -6.72 12.64
CA VAL B 101 -7.68 -5.61 12.98
C VAL B 101 -8.47 -4.31 12.83
N GLU B 102 -8.14 -3.33 13.67
CA GLU B 102 -8.74 -2.01 13.61
C GLU B 102 -7.62 -0.97 13.64
N LEU B 103 -7.56 -0.14 12.60
CA LEU B 103 -6.55 0.91 12.50
C LEU B 103 -7.20 2.26 12.75
N ILE B 104 -6.65 3.02 13.69
CA ILE B 104 -7.15 4.35 14.04
C ILE B 104 -5.99 5.33 13.95
N VAL B 105 -6.18 6.40 13.18
CA VAL B 105 -5.15 7.41 12.99
C VAL B 105 -5.80 8.78 13.11
N ILE B 106 -5.25 9.62 13.98
CA ILE B 106 -5.75 10.97 14.21
C ILE B 106 -4.69 11.95 13.74
N VAL B 107 -5.09 12.88 12.87
CA VAL B 107 -4.19 13.87 12.29
C VAL B 107 -4.61 15.24 12.80
N VAL B 108 -3.72 15.89 13.55
CA VAL B 108 -3.97 17.21 14.11
C VAL B 108 -3.12 18.21 13.34
N ASP B 109 -3.79 19.11 12.61
CA ASP B 109 -3.13 20.18 11.85
C ASP B 109 -2.10 19.62 10.87
N GLY B 110 -2.51 18.58 10.13
CA GLY B 110 -1.68 17.99 9.11
C GLY B 110 -0.60 17.06 9.60
N LYS B 111 -0.50 16.83 10.90
CA LYS B 111 0.52 15.96 11.47
C LYS B 111 -0.13 14.78 12.18
N ILE B 112 0.50 13.61 12.07
CA ILE B 112 -0.02 12.41 12.71
C ILE B 112 0.21 12.52 14.22
N LYS B 113 -0.88 12.51 14.99
CA LYS B 113 -0.79 12.64 16.43
C LYS B 113 -0.99 11.32 17.17
N LYS B 114 -1.81 10.41 16.65
CA LYS B 114 -2.09 9.16 17.32
C LYS B 114 -2.27 8.06 16.28
N VAL B 115 -1.61 6.92 16.50
CA VAL B 115 -1.81 5.72 15.69
C VAL B 115 -2.06 4.57 16.66
N ARG B 116 -3.23 3.94 16.54
CA ARG B 116 -3.60 2.82 17.39
C ARG B 116 -4.00 1.63 16.53
N ILE B 117 -3.44 0.46 16.84
CA ILE B 117 -3.78 -0.78 16.16
C ILE B 117 -4.37 -1.72 17.20
N ILE B 118 -5.61 -2.14 16.99
CA ILE B 118 -6.32 -3.03 17.90
C ILE B 118 -6.54 -4.36 17.18
N ILE B 119 -6.12 -5.45 17.80
CA ILE B 119 -6.29 -6.79 17.26
C ILE B 119 -7.06 -7.60 18.29
N ARG B 120 -8.27 -8.04 17.92
CA ARG B 120 -9.12 -8.82 18.81
C ARG B 120 -8.46 -10.12 19.23
#